data_8SD4
#
_entry.id   8SD4
#
_cell.length_a   162.855
_cell.length_b   162.855
_cell.length_c   162.855
_cell.angle_alpha   90.00
_cell.angle_beta   90.00
_cell.angle_gamma   90.00
#
_symmetry.space_group_name_H-M   'I 21 3'
#
loop_
_entity.id
_entity.type
_entity.pdbx_description
1 polymer 'Hemagglutinin HA1 chain'
2 polymer 'Hemagglutinin HA2 chain'
3 branched 2-acetamido-2-deoxy-beta-D-glucopyranose-(1-4)-2-acetamido-2-deoxy-beta-D-glucopyranose
4 branched beta-D-mannopyranose-(1-4)-2-acetamido-2-deoxy-beta-D-glucopyranose-(1-4)-2-acetamido-2-deoxy-beta-D-glucopyranose
5 non-polymer '(S~1~S)-N-{3,5-dichloro-4-[(2S)-2-phenylmorpholine-4-carbonyl]phenyl}-3-[(dimethylamino)methyl]azetidine-1-sulfonimidoyl fluoride'
6 water water
#
loop_
_entity_poly.entity_id
_entity_poly.type
_entity_poly.pdbx_seq_one_letter_code
_entity_poly.pdbx_strand_id
1 'polypeptide(L)'
;GDTICIGYHANNSTDTVDTVLEKNVTVTHSVNLLEDSHNGKLCRLKGIAPLQLGKCNIAGWLLGNPECDPLLPVRSWSYI
VETPNSENGICYPGDFIDYEELREQLSSVSSFERFEIFPKESSWPNHNTNGVTAACSHEGKSSFYRNLLWLTEKEGSYPK
LKNSYVNKKGKEVLVLWGIHHPPNSKEQQNLYQNENAYVSVVTSNYNRRFTPEIAERPKVRDQAGRMNYYWTLLKPGDTI
IFEANGNLIAPMYAFALSRGFGSGIITSNASMHECNTKCQTPLGAINSSLPYQNIHPVTIGECPKYVRSAKLRMVTGLRN
IPSIQSR
;
A
2 'polypeptide(L)'
;GLFGAIAGFIEGGWTGMIDGWYGYHHQNEQGSGYAADQKSTQNAINGITNKVNTVIEKMNIQFTAVGKEFNKLEKRMENL
NKKVDDGFLDIWTYNAELLVLLENERTLDFHDSNVKNLYEKVKSQLKNNAKEIGNGCFEFYHKCDNECMESVRNGTYDYP
KYSEESKLNREKVDGV
;
B
#
loop_
_chem_comp.id
_chem_comp.type
_chem_comp.name
_chem_comp.formula
BMA D-saccharide, beta linking beta-D-mannopyranose 'C6 H12 O6'
NAG D-saccharide, beta linking 2-acetamido-2-deoxy-beta-D-glucopyranose 'C8 H15 N O6'
ZW4 non-polymer '(S~1~S)-N-{3,5-dichloro-4-[(2S)-2-phenylmorpholine-4-carbonyl]phenyl}-3-[(dimethylamino)methyl]azetidine-1-sulfonimidoyl fluoride' 'C23 H27 Cl2 F N4 O3 S'
#
# COMPACT_ATOMS: atom_id res chain seq x y z
N GLY A 1 -17.59 50.96 34.32
CA GLY A 1 -18.93 50.40 34.01
C GLY A 1 -18.86 48.94 33.59
N ASP A 2 -20.01 48.27 33.49
CA ASP A 2 -20.11 46.84 33.07
C ASP A 2 -19.50 46.70 31.68
N THR A 3 -18.88 45.55 31.39
CA THR A 3 -18.24 45.27 30.09
C THR A 3 -18.62 43.88 29.60
N ILE A 4 -18.64 43.72 28.27
CA ILE A 4 -18.67 42.38 27.61
C ILE A 4 -17.62 42.39 26.49
N CYS A 5 -16.88 41.29 26.37
CA CYS A 5 -15.78 41.12 25.38
C CYS A 5 -16.08 39.91 24.49
N ILE A 6 -15.75 40.01 23.21
CA ILE A 6 -15.74 38.86 22.27
C ILE A 6 -14.29 38.39 22.13
N GLY A 7 -14.09 37.07 22.12
CA GLY A 7 -12.77 36.44 22.08
C GLY A 7 -12.82 35.04 21.50
N TYR A 8 -11.68 34.35 21.51
CA TYR A 8 -11.54 33.03 20.87
C TYR A 8 -10.68 32.12 21.77
N HIS A 9 -10.83 30.82 21.55
CA HIS A 9 -10.20 29.74 22.36
C HIS A 9 -8.68 29.81 22.23
N ALA A 10 -7.98 29.54 23.33
CA ALA A 10 -6.55 29.17 23.35
C ALA A 10 -6.36 28.00 24.32
N ASN A 11 -5.26 27.27 24.17
CA ASN A 11 -4.95 26.12 25.05
C ASN A 11 -3.44 25.89 25.06
N ASN A 12 -2.99 24.78 25.62
CA ASN A 12 -1.55 24.47 25.78
C ASN A 12 -1.04 23.66 24.58
N SER A 13 -1.80 23.60 23.48
CA SER A 13 -1.43 22.83 22.25
C SER A 13 -0.14 23.39 21.65
N THR A 14 0.76 22.50 21.23
CA THR A 14 2.04 22.85 20.56
C THR A 14 2.07 22.35 19.11
N ASP A 15 0.95 21.80 18.62
CA ASP A 15 0.85 21.31 17.21
C ASP A 15 1.09 22.49 16.27
N THR A 16 1.85 22.24 15.19
CA THR A 16 2.12 23.26 14.16
C THR A 16 1.70 22.74 12.79
N VAL A 17 1.31 23.66 11.91
CA VAL A 17 1.01 23.37 10.48
C VAL A 17 1.71 24.42 9.63
N ASP A 18 1.79 24.19 8.32
CA ASP A 18 2.24 25.23 7.38
C ASP A 18 1.04 25.73 6.59
N THR A 19 1.11 26.97 6.13
CA THR A 19 0.14 27.57 5.19
C THR A 19 0.92 28.08 3.98
N VAL A 20 0.23 28.72 3.04
CA VAL A 20 0.90 29.29 1.84
C VAL A 20 1.72 30.51 2.29
N LEU A 21 1.12 31.36 3.13
CA LEU A 21 1.75 32.63 3.57
C LEU A 21 2.78 32.38 4.68
N GLU A 22 2.64 31.32 5.48
CA GLU A 22 3.40 31.21 6.75
C GLU A 22 3.74 29.76 7.10
N LYS A 23 4.93 29.56 7.66
CA LYS A 23 5.39 28.23 8.15
C LYS A 23 5.34 28.20 9.68
N ASN A 24 5.25 27.00 10.25
CA ASN A 24 5.40 26.73 11.70
C ASN A 24 4.37 27.56 12.49
N VAL A 25 3.09 27.49 12.10
CA VAL A 25 1.99 28.19 12.81
C VAL A 25 1.47 27.26 13.90
N THR A 26 1.49 27.70 15.16
CA THR A 26 0.95 26.92 16.29
C THR A 26 -0.58 27.06 16.31
N VAL A 27 -1.29 25.94 16.38
CA VAL A 27 -2.77 25.91 16.30
C VAL A 27 -3.34 25.08 17.45
N THR A 28 -4.58 25.37 17.82
CA THR A 28 -5.23 24.78 19.03
C THR A 28 -5.59 23.32 18.75
N HIS A 29 -6.04 23.03 17.52
CA HIS A 29 -6.50 21.68 17.13
C HIS A 29 -6.08 21.39 15.69
N SER A 30 -5.74 20.15 15.39
CA SER A 30 -5.33 19.72 14.03
C SER A 30 -5.48 18.20 13.90
N VAL A 31 -5.30 17.69 12.69
CA VAL A 31 -5.42 16.24 12.39
C VAL A 31 -4.26 15.83 11.47
N ASN A 32 -3.60 14.74 11.82
CA ASN A 32 -2.56 14.12 10.95
C ASN A 32 -3.25 13.31 9.85
N LEU A 33 -2.86 13.53 8.60
CA LEU A 33 -3.37 12.75 7.45
C LEU A 33 -2.30 11.78 6.94
N LEU A 34 -1.09 11.80 7.49
CA LEU A 34 0.05 11.01 6.96
C LEU A 34 0.41 9.91 7.95
N GLU A 35 0.08 8.66 7.60
CA GLU A 35 0.39 7.45 8.41
C GLU A 35 1.88 7.11 8.25
N ASP A 36 2.60 6.99 9.36
CA ASP A 36 4.05 6.65 9.38
C ASP A 36 4.32 5.40 10.22
N SER A 37 3.29 4.83 10.84
CA SER A 37 3.43 3.78 11.89
C SER A 37 3.04 2.41 11.32
N HIS A 38 3.93 1.43 11.44
CA HIS A 38 3.63 0.01 11.14
C HIS A 38 4.18 -0.87 12.27
N ASN A 39 3.72 -2.12 12.32
CA ASN A 39 3.98 -3.07 13.43
C ASN A 39 5.24 -3.90 13.14
N GLY A 40 5.83 -3.78 11.94
CA GLY A 40 7.08 -4.48 11.59
C GLY A 40 6.91 -5.99 11.47
N LYS A 41 5.69 -6.48 11.21
CA LYS A 41 5.41 -7.93 11.13
C LYS A 41 4.73 -8.26 9.80
N LEU A 42 4.89 -9.50 9.33
CA LEU A 42 4.03 -10.06 8.27
C LEU A 42 2.77 -10.63 8.92
N CYS A 43 1.61 -10.27 8.39
CA CYS A 43 0.29 -10.68 8.93
C CYS A 43 -0.53 -11.33 7.82
N ARG A 44 -1.63 -11.97 8.20
CA ARG A 44 -2.66 -12.41 7.23
C ARG A 44 -3.30 -11.17 6.60
N LEU A 45 -3.80 -11.33 5.38
CA LEU A 45 -4.59 -10.28 4.68
C LEU A 45 -6.04 -10.78 4.56
N LYS A 46 -6.97 -10.10 5.21
CA LYS A 46 -8.42 -10.41 5.18
C LYS A 46 -8.63 -11.90 5.44
N GLY A 47 -7.92 -12.46 6.42
CA GLY A 47 -8.13 -13.85 6.88
C GLY A 47 -7.14 -14.83 6.30
N ILE A 48 -6.51 -14.52 5.15
CA ILE A 48 -5.70 -15.52 4.41
C ILE A 48 -4.21 -15.27 4.65
N ALA A 49 -3.50 -16.29 5.10
CA ALA A 49 -2.05 -16.22 5.36
C ALA A 49 -1.32 -16.13 4.02
N PRO A 50 -0.15 -15.47 3.98
CA PRO A 50 0.67 -15.44 2.77
C PRO A 50 1.42 -16.76 2.52
N LEU A 51 1.90 -16.93 1.29
CA LEU A 51 2.77 -18.06 0.91
C LEU A 51 4.23 -17.65 1.12
N GLN A 52 4.91 -18.26 2.08
CA GLN A 52 6.34 -17.96 2.38
C GLN A 52 7.23 -18.97 1.68
N LEU A 53 7.95 -18.53 0.64
CA LEU A 53 8.85 -19.38 -0.17
C LEU A 53 10.12 -19.70 0.62
N GLY A 54 10.42 -18.94 1.68
CA GLY A 54 11.59 -19.15 2.56
C GLY A 54 12.89 -19.09 1.78
N LYS A 55 13.65 -20.19 1.75
CA LYS A 55 15.00 -20.25 1.10
C LYS A 55 14.86 -20.25 -0.43
N CYS A 56 13.65 -20.47 -0.95
CA CYS A 56 13.39 -20.53 -2.41
C CYS A 56 12.93 -19.17 -2.96
N ASN A 57 13.16 -18.98 -4.25
CA ASN A 57 12.50 -17.94 -5.06
C ASN A 57 11.50 -18.65 -5.97
N ILE A 58 10.75 -17.88 -6.77
CA ILE A 58 9.66 -18.46 -7.59
C ILE A 58 10.25 -19.60 -8.43
N ALA A 59 11.40 -19.40 -9.07
CA ALA A 59 12.04 -20.41 -9.94
C ALA A 59 12.32 -21.67 -9.11
N GLY A 60 12.94 -21.51 -7.93
CA GLY A 60 13.29 -22.62 -7.05
C GLY A 60 12.04 -23.38 -6.63
N TRP A 61 10.99 -22.66 -6.26
CA TRP A 61 9.72 -23.26 -5.76
C TRP A 61 9.10 -24.13 -6.85
N LEU A 62 8.89 -23.59 -8.06
CA LEU A 62 8.09 -24.26 -9.11
C LEU A 62 8.88 -25.42 -9.70
N LEU A 63 10.19 -25.30 -9.82
CA LEU A 63 11.01 -26.44 -10.33
C LEU A 63 11.15 -27.48 -9.21
N GLY A 64 11.09 -27.06 -7.94
CA GLY A 64 11.26 -27.96 -6.79
C GLY A 64 12.73 -28.24 -6.50
N ASN A 65 13.55 -27.19 -6.42
CA ASN A 65 14.95 -27.30 -5.92
C ASN A 65 14.93 -28.03 -4.59
N PRO A 66 15.68 -29.15 -4.45
CA PRO A 66 15.67 -29.95 -3.22
C PRO A 66 15.98 -29.22 -1.89
N GLU A 67 16.72 -28.10 -1.94
CA GLU A 67 17.16 -27.34 -0.74
C GLU A 67 15.97 -26.70 -0.01
N CYS A 68 14.81 -26.52 -0.66
CA CYS A 68 13.68 -25.77 -0.05
C CYS A 68 12.64 -26.71 0.57
N ASP A 69 12.34 -26.47 1.85
CA ASP A 69 11.35 -27.22 2.68
C ASP A 69 10.09 -27.46 1.86
N PRO A 70 9.71 -28.73 1.58
CA PRO A 70 8.55 -29.02 0.74
C PRO A 70 7.27 -28.46 1.38
N LEU A 71 6.56 -27.60 0.63
CA LEU A 71 5.26 -27.01 1.06
C LEU A 71 4.16 -28.08 0.98
N LEU A 72 3.03 -27.83 1.63
CA LEU A 72 1.88 -28.77 1.63
C LEU A 72 1.49 -29.07 0.18
N PRO A 73 0.71 -30.15 -0.09
CA PRO A 73 0.27 -30.44 -1.46
C PRO A 73 -0.80 -29.47 -1.99
N VAL A 74 -1.41 -28.68 -1.11
CA VAL A 74 -2.52 -27.74 -1.44
C VAL A 74 -2.36 -26.52 -0.54
N ARG A 75 -2.39 -25.33 -1.12
CA ARG A 75 -2.12 -24.09 -0.37
C ARG A 75 -2.94 -22.97 -0.98
N SER A 76 -3.19 -21.94 -0.18
CA SER A 76 -3.88 -20.71 -0.59
C SER A 76 -3.16 -19.55 0.08
N TRP A 77 -3.21 -18.38 -0.52
CA TRP A 77 -2.48 -17.22 0.04
C TRP A 77 -3.10 -15.92 -0.43
N SER A 78 -2.79 -14.86 0.31
CA SER A 78 -3.25 -13.48 0.04
C SER A 78 -2.15 -12.72 -0.70
N TYR A 79 -0.89 -13.16 -0.56
CA TYR A 79 0.28 -12.61 -1.29
C TYR A 79 1.46 -13.57 -1.14
N ILE A 80 2.54 -13.32 -1.89
CA ILE A 80 3.73 -14.22 -1.96
C ILE A 80 4.95 -13.48 -1.43
N VAL A 81 5.70 -14.15 -0.55
CA VAL A 81 6.90 -13.57 0.12
C VAL A 81 8.14 -14.39 -0.29
N GLU A 82 9.05 -13.72 -1.00
CA GLU A 82 10.45 -14.14 -1.25
C GLU A 82 11.36 -13.43 -0.23
N THR A 83 12.59 -13.87 -0.04
CA THR A 83 13.49 -13.09 0.83
C THR A 83 14.59 -12.53 -0.04
N PRO A 84 15.27 -11.45 0.40
CA PRO A 84 16.43 -10.88 -0.33
C PRO A 84 17.58 -11.85 -0.65
N ASN A 85 17.85 -12.83 0.22
CA ASN A 85 18.97 -13.79 0.02
C ASN A 85 18.41 -15.10 -0.53
N SER A 86 17.57 -15.04 -1.58
CA SER A 86 16.98 -16.25 -2.19
C SER A 86 18.06 -17.01 -2.96
N GLU A 87 18.97 -17.67 -2.24
CA GLU A 87 20.16 -18.32 -2.87
C GLU A 87 19.71 -19.57 -3.62
N ASN A 88 18.73 -20.30 -3.11
CA ASN A 88 18.24 -21.54 -3.77
C ASN A 88 17.27 -21.14 -4.89
N GLY A 89 17.75 -21.06 -6.12
CA GLY A 89 16.88 -20.70 -7.26
C GLY A 89 16.89 -21.80 -8.29
N ILE A 90 17.30 -21.49 -9.51
CA ILE A 90 17.65 -22.51 -10.53
C ILE A 90 18.96 -23.15 -10.05
N CYS A 91 19.02 -24.48 -9.96
CA CYS A 91 20.23 -25.15 -9.43
C CYS A 91 21.11 -25.65 -10.59
N TYR A 92 20.51 -26.10 -11.70
CA TYR A 92 21.29 -26.53 -12.89
C TYR A 92 21.30 -25.39 -13.89
N PRO A 93 22.49 -24.89 -14.32
CA PRO A 93 22.55 -23.63 -15.03
C PRO A 93 21.86 -23.68 -16.40
N GLY A 94 21.25 -22.55 -16.76
CA GLY A 94 20.62 -22.34 -18.08
C GLY A 94 19.67 -21.17 -18.01
N ASP A 95 18.78 -21.07 -19.00
CA ASP A 95 17.83 -19.94 -19.11
C ASP A 95 16.44 -20.42 -18.69
N PHE A 96 15.72 -19.58 -17.97
CA PHE A 96 14.29 -19.79 -17.64
C PHE A 96 13.46 -18.92 -18.58
N ILE A 97 12.79 -19.52 -19.55
CA ILE A 97 12.11 -18.74 -20.63
C ILE A 97 10.82 -18.15 -20.08
N ASP A 98 10.64 -16.84 -20.31
CA ASP A 98 9.44 -16.07 -19.90
C ASP A 98 9.25 -16.22 -18.38
N TYR A 99 10.33 -16.16 -17.60
CA TYR A 99 10.27 -16.20 -16.12
C TYR A 99 9.42 -15.03 -15.61
N GLU A 100 9.64 -13.84 -16.15
CA GLU A 100 9.00 -12.59 -15.66
C GLU A 100 7.49 -12.66 -15.94
N GLU A 101 7.12 -13.19 -17.11
CA GLU A 101 5.69 -13.37 -17.49
C GLU A 101 5.06 -14.37 -16.53
N LEU A 102 5.79 -15.43 -16.18
CA LEU A 102 5.26 -16.48 -15.28
C LEU A 102 5.03 -15.88 -13.89
N ARG A 103 5.97 -15.06 -13.40
CA ARG A 103 5.78 -14.32 -12.12
C ARG A 103 4.52 -13.46 -12.23
N GLU A 104 4.37 -12.71 -13.31
CA GLU A 104 3.18 -11.83 -13.51
C GLU A 104 1.92 -12.71 -13.46
N GLN A 105 1.94 -13.88 -14.09
CA GLN A 105 0.80 -14.83 -14.06
C GLN A 105 0.50 -15.21 -12.60
N LEU A 106 1.53 -15.58 -11.84
CA LEU A 106 1.39 -16.10 -10.45
C LEU A 106 0.82 -15.01 -9.55
N SER A 107 1.04 -13.74 -9.89
CA SER A 107 0.61 -12.56 -9.09
C SER A 107 -0.91 -12.47 -9.00
N SER A 108 -1.64 -13.11 -9.93
CA SER A 108 -3.13 -13.19 -9.90
C SER A 108 -3.58 -14.60 -9.52
N VAL A 109 -2.71 -15.41 -8.91
CA VAL A 109 -3.04 -16.79 -8.45
C VAL A 109 -3.33 -16.75 -6.95
N SER A 110 -4.45 -17.36 -6.54
CA SER A 110 -4.96 -17.38 -5.14
C SER A 110 -4.72 -18.73 -4.47
N SER A 111 -4.51 -19.81 -5.21
CA SER A 111 -4.25 -21.15 -4.63
C SER A 111 -3.68 -22.11 -5.68
N PHE A 112 -3.09 -23.24 -5.25
CA PHE A 112 -2.69 -24.31 -6.17
C PHE A 112 -2.93 -25.68 -5.53
N GLU A 113 -3.01 -26.69 -6.39
CA GLU A 113 -2.96 -28.13 -6.02
C GLU A 113 -1.73 -28.75 -6.70
N ARG A 114 -0.75 -29.22 -5.92
CA ARG A 114 0.42 -29.93 -6.48
C ARG A 114 0.03 -31.39 -6.68
N PHE A 115 0.04 -31.88 -7.92
CA PHE A 115 -0.42 -33.25 -8.24
C PHE A 115 0.50 -33.91 -9.26
N GLU A 116 0.52 -35.24 -9.24
CA GLU A 116 1.40 -36.08 -10.08
C GLU A 116 0.79 -36.20 -11.48
N ILE A 117 1.20 -35.33 -12.40
CA ILE A 117 0.69 -35.31 -13.80
C ILE A 117 1.20 -36.57 -14.51
N PHE A 118 2.48 -36.90 -14.34
CA PHE A 118 3.11 -38.10 -14.97
C PHE A 118 3.81 -38.94 -13.90
N PRO A 119 3.11 -39.92 -13.29
CA PRO A 119 3.73 -40.80 -12.30
C PRO A 119 5.07 -41.37 -12.77
N LYS A 120 6.11 -41.24 -11.93
CA LYS A 120 7.51 -41.62 -12.25
C LYS A 120 7.56 -43.07 -12.75
N GLU A 121 6.93 -44.00 -12.03
CA GLU A 121 7.08 -45.45 -12.26
C GLU A 121 5.89 -45.96 -13.10
N SER A 122 5.83 -45.54 -14.35
CA SER A 122 4.70 -45.82 -15.28
C SER A 122 4.75 -44.90 -16.51
N SER A 123 5.15 -43.65 -16.32
CA SER A 123 4.92 -42.58 -17.33
C SER A 123 5.86 -42.75 -18.53
N TRP A 124 7.07 -43.29 -18.37
CA TRP A 124 8.14 -43.21 -19.41
C TRP A 124 8.80 -44.55 -19.66
N PRO A 125 8.09 -45.56 -20.21
CA PRO A 125 8.61 -46.93 -20.16
C PRO A 125 9.91 -46.95 -20.98
N ASN A 126 10.76 -47.96 -20.76
CA ASN A 126 12.04 -48.16 -21.48
C ASN A 126 12.92 -46.89 -21.41
N HIS A 127 12.86 -46.11 -20.34
CA HIS A 127 13.82 -44.99 -20.13
C HIS A 127 14.30 -44.99 -18.67
N ASN A 128 15.50 -44.48 -18.43
CA ASN A 128 16.04 -44.29 -17.06
C ASN A 128 15.42 -43.03 -16.46
N THR A 129 15.09 -43.07 -15.17
CA THR A 129 14.46 -41.95 -14.44
C THR A 129 15.32 -41.54 -13.23
N ASN A 130 16.52 -42.11 -13.09
CA ASN A 130 17.33 -41.97 -11.85
C ASN A 130 18.36 -40.84 -12.01
N GLY A 131 18.41 -40.18 -13.17
CA GLY A 131 19.39 -39.11 -13.47
C GLY A 131 19.44 -38.05 -12.39
N VAL A 132 20.62 -37.80 -11.81
CA VAL A 132 20.84 -36.73 -10.81
C VAL A 132 22.09 -35.94 -11.20
N THR A 133 22.34 -34.82 -10.51
CA THR A 133 23.44 -33.88 -10.81
C THR A 133 23.92 -33.21 -9.52
N ALA A 134 25.21 -32.93 -9.46
CA ALA A 134 25.87 -32.29 -8.29
C ALA A 134 25.48 -30.82 -8.23
N ALA A 135 25.05 -30.22 -9.35
CA ALA A 135 24.58 -28.81 -9.39
C ALA A 135 23.31 -28.65 -8.55
N CYS A 136 22.51 -29.71 -8.39
CA CYS A 136 21.24 -29.67 -7.61
C CYS A 136 21.36 -30.60 -6.40
N SER A 137 22.40 -30.40 -5.60
CA SER A 137 22.75 -31.28 -4.46
C SER A 137 21.75 -31.10 -3.31
N HIS A 138 21.45 -32.20 -2.62
CA HIS A 138 20.63 -32.24 -1.39
C HIS A 138 21.28 -33.18 -0.37
N GLU A 139 21.43 -32.72 0.87
CA GLU A 139 22.05 -33.52 1.96
C GLU A 139 23.40 -34.05 1.47
N GLY A 140 24.20 -33.20 0.80
CA GLY A 140 25.54 -33.54 0.32
C GLY A 140 25.55 -34.46 -0.89
N LYS A 141 24.45 -35.20 -1.15
CA LYS A 141 24.36 -36.15 -2.29
C LYS A 141 23.79 -35.43 -3.52
N SER A 142 24.26 -35.80 -4.71
CA SER A 142 23.69 -35.31 -6.00
C SER A 142 22.20 -35.64 -6.03
N SER A 143 21.38 -34.69 -6.47
CA SER A 143 19.91 -34.85 -6.51
C SER A 143 19.36 -34.13 -7.74
N PHE A 144 18.05 -33.92 -7.75
CA PHE A 144 17.36 -33.27 -8.89
C PHE A 144 16.04 -32.67 -8.41
N TYR A 145 15.52 -31.75 -9.23
CA TYR A 145 14.21 -31.10 -9.05
C TYR A 145 13.17 -32.15 -8.65
N ARG A 146 12.31 -31.83 -7.70
CA ARG A 146 11.25 -32.75 -7.23
C ARG A 146 10.10 -32.80 -8.25
N ASN A 147 9.98 -31.82 -9.15
CA ASN A 147 8.82 -31.72 -10.07
C ASN A 147 9.23 -32.14 -11.49
N LEU A 148 10.51 -32.40 -11.74
CA LEU A 148 10.98 -32.84 -13.08
C LEU A 148 11.70 -34.17 -12.96
N LEU A 149 11.91 -34.80 -14.11
CA LEU A 149 12.53 -36.15 -14.18
C LEU A 149 13.53 -36.14 -15.33
N TRP A 150 14.79 -36.46 -15.03
CA TRP A 150 15.87 -36.55 -16.05
C TRP A 150 15.75 -37.90 -16.76
N LEU A 151 15.16 -37.92 -17.95
CA LEU A 151 15.07 -39.14 -18.78
C LEU A 151 16.38 -39.28 -19.56
N THR A 152 16.95 -40.48 -19.52
CA THR A 152 18.19 -40.82 -20.25
C THR A 152 18.03 -42.19 -20.90
N GLU A 153 18.98 -42.54 -21.75
CA GLU A 153 18.99 -43.85 -22.46
C GLU A 153 18.90 -44.98 -21.44
N LYS A 154 18.28 -46.08 -21.85
CA LYS A 154 18.17 -47.33 -21.06
C LYS A 154 18.64 -48.50 -21.92
N GLU A 155 19.56 -49.30 -21.40
CA GLU A 155 20.15 -50.49 -22.08
C GLU A 155 20.70 -50.09 -23.46
N GLY A 156 21.24 -48.87 -23.58
CA GLY A 156 21.89 -48.38 -24.81
C GLY A 156 20.92 -47.86 -25.85
N SER A 157 19.61 -47.84 -25.60
CA SER A 157 18.61 -47.27 -26.53
C SER A 157 17.80 -46.17 -25.83
N TYR A 158 17.41 -45.14 -26.58
CA TYR A 158 16.42 -44.12 -26.15
C TYR A 158 15.30 -44.15 -27.17
N PRO A 159 14.26 -45.00 -26.97
CA PRO A 159 13.13 -45.06 -27.88
C PRO A 159 12.39 -43.72 -27.92
N LYS A 160 11.89 -43.36 -29.10
CA LYS A 160 10.97 -42.20 -29.23
C LYS A 160 9.84 -42.40 -28.22
N LEU A 161 9.58 -41.39 -27.40
CA LEU A 161 8.47 -41.45 -26.43
C LEU A 161 7.42 -40.43 -26.84
N LYS A 162 6.17 -40.72 -26.52
CA LYS A 162 5.04 -39.80 -26.76
C LYS A 162 4.05 -40.01 -25.62
N ASN A 163 3.74 -38.93 -24.90
CA ASN A 163 2.80 -38.96 -23.77
C ASN A 163 1.96 -37.68 -23.80
N SER A 164 0.71 -37.81 -23.35
CA SER A 164 -0.23 -36.67 -23.23
C SER A 164 -0.96 -36.79 -21.91
N TYR A 165 -1.33 -35.66 -21.33
CA TYR A 165 -2.20 -35.58 -20.14
C TYR A 165 -3.43 -34.74 -20.49
N VAL A 166 -4.60 -35.21 -20.08
CA VAL A 166 -5.89 -34.50 -20.31
C VAL A 166 -6.27 -33.78 -19.03
N ASN A 167 -6.50 -32.48 -19.13
CA ASN A 167 -6.77 -31.59 -17.97
C ASN A 167 -8.23 -31.76 -17.54
N LYS A 168 -8.47 -32.65 -16.58
CA LYS A 168 -9.83 -32.86 -16.01
C LYS A 168 -9.85 -32.31 -14.58
N LYS A 169 -9.08 -31.26 -14.30
CA LYS A 169 -9.04 -30.60 -12.97
C LYS A 169 -10.07 -29.47 -12.90
N GLY A 170 -10.57 -28.99 -14.05
CA GLY A 170 -11.53 -27.87 -14.14
C GLY A 170 -10.89 -26.52 -13.79
N LYS A 171 -9.56 -26.45 -13.78
CA LYS A 171 -8.78 -25.19 -13.58
C LYS A 171 -7.58 -25.22 -14.52
N GLU A 172 -7.00 -24.05 -14.82
CA GLU A 172 -5.73 -23.99 -15.58
C GLU A 172 -4.73 -24.90 -14.87
N VAL A 173 -3.95 -25.66 -15.65
CA VAL A 173 -2.83 -26.47 -15.11
C VAL A 173 -1.51 -25.94 -15.65
N LEU A 174 -0.64 -25.48 -14.75
CA LEU A 174 0.73 -25.02 -15.07
C LEU A 174 1.63 -26.24 -15.21
N VAL A 175 2.16 -26.48 -16.41
CA VAL A 175 3.12 -27.60 -16.66
C VAL A 175 4.49 -27.00 -16.94
N LEU A 176 5.51 -27.51 -16.26
CA LEU A 176 6.92 -27.12 -16.46
C LEU A 176 7.72 -28.32 -16.97
N TRP A 177 8.71 -28.02 -17.80
CA TRP A 177 9.65 -29.03 -18.37
C TRP A 177 10.95 -28.33 -18.76
N GLY A 178 11.96 -29.13 -19.08
CA GLY A 178 13.31 -28.65 -19.38
C GLY A 178 13.86 -29.29 -20.64
N ILE A 179 14.85 -28.63 -21.23
CA ILE A 179 15.61 -29.14 -22.40
C ILE A 179 17.10 -29.03 -22.05
N HIS A 180 17.79 -30.17 -22.07
CA HIS A 180 19.23 -30.25 -21.70
C HIS A 180 20.09 -30.07 -22.94
N HIS A 181 21.13 -29.25 -22.83
CA HIS A 181 22.09 -28.95 -23.93
C HIS A 181 23.48 -29.40 -23.48
N PRO A 182 23.86 -30.65 -23.74
CA PRO A 182 25.19 -31.12 -23.38
C PRO A 182 26.28 -30.26 -24.02
N PRO A 183 27.49 -30.22 -23.41
CA PRO A 183 28.57 -29.39 -23.93
C PRO A 183 29.24 -29.98 -25.18
N ASN A 184 29.02 -31.27 -25.46
CA ASN A 184 29.70 -31.97 -26.58
C ASN A 184 28.92 -33.20 -27.03
N SER A 185 29.28 -33.73 -28.19
CA SER A 185 28.54 -34.76 -28.95
C SER A 185 28.63 -36.11 -28.24
N LYS A 186 29.73 -36.38 -27.52
CA LYS A 186 29.97 -37.68 -26.85
C LYS A 186 29.02 -37.84 -25.67
N GLU A 187 28.80 -36.77 -24.90
CA GLU A 187 27.82 -36.78 -23.77
C GLU A 187 26.43 -37.03 -24.36
N GLN A 188 26.06 -36.31 -25.42
CA GLN A 188 24.76 -36.45 -26.13
C GLN A 188 24.50 -37.93 -26.43
N GLN A 189 25.45 -38.62 -27.07
CA GLN A 189 25.26 -40.05 -27.43
C GLN A 189 25.12 -40.87 -26.14
N ASN A 190 26.04 -40.68 -25.19
CA ASN A 190 26.02 -41.39 -23.89
C ASN A 190 24.65 -41.24 -23.22
N LEU A 191 24.12 -40.02 -23.15
CA LEU A 191 22.89 -39.77 -22.36
C LEU A 191 21.64 -40.20 -23.13
N TYR A 192 21.54 -39.92 -24.43
CA TYR A 192 20.26 -40.04 -25.19
C TYR A 192 20.41 -40.95 -26.42
N GLN A 193 21.64 -41.35 -26.76
CA GLN A 193 21.96 -42.31 -27.84
C GLN A 193 21.74 -41.73 -29.24
N ASN A 194 21.05 -40.59 -29.38
CA ASN A 194 20.64 -40.08 -30.72
C ASN A 194 21.19 -38.66 -30.91
N GLU A 195 22.11 -38.50 -31.86
CA GLU A 195 22.77 -37.20 -32.12
C GLU A 195 21.73 -36.18 -32.61
N ASN A 196 20.70 -36.62 -33.33
CA ASN A 196 19.75 -35.69 -33.99
C ASN A 196 18.40 -35.70 -33.26
N ALA A 197 18.42 -35.68 -31.92
CA ALA A 197 17.18 -35.76 -31.10
C ALA A 197 16.38 -34.46 -31.28
N TYR A 198 15.07 -34.55 -31.02
CA TYR A 198 14.15 -33.40 -30.97
C TYR A 198 13.22 -33.57 -29.77
N VAL A 199 12.60 -32.47 -29.36
CA VAL A 199 11.46 -32.50 -28.40
C VAL A 199 10.35 -31.63 -28.98
N SER A 200 9.12 -32.10 -28.90
CA SER A 200 7.92 -31.32 -29.26
C SER A 200 6.94 -31.32 -28.10
N VAL A 201 6.26 -30.20 -27.92
CA VAL A 201 5.18 -30.02 -26.93
C VAL A 201 4.01 -29.34 -27.62
N VAL A 202 2.81 -29.86 -27.42
CA VAL A 202 1.60 -29.42 -28.18
C VAL A 202 0.38 -29.38 -27.25
N THR A 203 -0.37 -28.29 -27.34
CA THR A 203 -1.72 -28.15 -26.77
C THR A 203 -2.59 -27.45 -27.82
N SER A 204 -3.83 -27.12 -27.47
CA SER A 204 -4.77 -26.43 -28.39
C SER A 204 -4.26 -25.03 -28.74
N ASN A 205 -3.48 -24.39 -27.87
CA ASN A 205 -3.05 -22.98 -28.04
C ASN A 205 -1.53 -22.85 -27.81
N TYR A 206 -0.80 -23.95 -27.85
CA TYR A 206 0.68 -23.95 -27.68
C TYR A 206 1.28 -24.98 -28.63
N ASN A 207 2.34 -24.57 -29.32
CA ASN A 207 3.14 -25.48 -30.17
C ASN A 207 4.57 -24.93 -30.22
N ARG A 208 5.53 -25.76 -29.86
CA ARG A 208 6.97 -25.42 -29.91
C ARG A 208 7.78 -26.71 -30.05
N ARG A 209 8.77 -26.67 -30.93
CA ARG A 209 9.76 -27.76 -31.12
C ARG A 209 11.11 -27.31 -30.55
N PHE A 210 11.79 -28.18 -29.83
CA PHE A 210 13.09 -27.87 -29.19
C PHE A 210 14.18 -28.77 -29.77
N THR A 211 15.29 -28.15 -30.18
CA THR A 211 16.50 -28.83 -30.70
C THR A 211 17.69 -28.47 -29.81
N PRO A 212 18.47 -29.47 -29.33
CA PRO A 212 19.63 -29.17 -28.49
C PRO A 212 20.76 -28.49 -29.27
N GLU A 213 21.53 -27.63 -28.59
CA GLU A 213 22.70 -26.92 -29.16
C GLU A 213 23.95 -27.39 -28.43
N ILE A 214 24.79 -28.16 -29.10
CA ILE A 214 26.05 -28.73 -28.52
C ILE A 214 27.18 -27.72 -28.71
N ALA A 215 27.84 -27.33 -27.62
CA ALA A 215 28.99 -26.40 -27.62
C ALA A 215 29.62 -26.35 -26.22
N GLU A 216 30.93 -26.15 -26.17
CA GLU A 216 31.71 -26.04 -24.91
C GLU A 216 31.43 -24.67 -24.31
N ARG A 217 30.66 -24.62 -23.22
CA ARG A 217 30.34 -23.35 -22.51
C ARG A 217 31.27 -23.18 -21.32
N PRO A 218 31.44 -21.93 -20.83
CA PRO A 218 32.10 -21.69 -19.54
C PRO A 218 31.44 -22.49 -18.41
N LYS A 219 32.25 -23.00 -17.48
CA LYS A 219 31.76 -23.74 -16.28
C LYS A 219 30.89 -22.80 -15.44
N VAL A 220 29.65 -23.20 -15.17
CA VAL A 220 28.74 -22.50 -14.21
C VAL A 220 28.24 -23.55 -13.21
N ARG A 221 28.46 -23.31 -11.92
CA ARG A 221 28.21 -24.32 -10.84
C ARG A 221 28.86 -25.64 -11.26
N ASP A 222 30.03 -25.55 -11.91
CA ASP A 222 30.88 -26.70 -12.31
C ASP A 222 30.26 -27.44 -13.50
N GLN A 223 29.29 -26.84 -14.20
CA GLN A 223 28.61 -27.46 -15.37
C GLN A 223 28.94 -26.65 -16.64
N ALA A 224 29.38 -27.35 -17.69
CA ALA A 224 29.61 -26.77 -19.04
C ALA A 224 28.34 -26.92 -19.87
N GLY A 225 27.47 -27.86 -19.51
CA GLY A 225 26.15 -28.05 -20.14
C GLY A 225 25.16 -27.00 -19.69
N ARG A 226 24.00 -26.95 -20.33
CA ARG A 226 22.92 -26.00 -19.95
C ARG A 226 21.58 -26.71 -19.94
N MET A 227 20.66 -26.16 -19.18
CA MET A 227 19.27 -26.63 -19.08
C MET A 227 18.36 -25.41 -19.24
N ASN A 228 17.55 -25.42 -20.29
CA ASN A 228 16.53 -24.37 -20.52
C ASN A 228 15.20 -24.86 -19.94
N TYR A 229 14.44 -23.96 -19.35
CA TYR A 229 13.18 -24.30 -18.66
C TYR A 229 12.04 -23.60 -19.37
N TYR A 230 10.98 -24.34 -19.65
CA TYR A 230 9.80 -23.84 -20.38
C TYR A 230 8.55 -24.17 -19.57
N TRP A 231 7.48 -23.45 -19.85
CA TRP A 231 6.19 -23.64 -19.15
C TRP A 231 5.04 -23.29 -20.10
N THR A 232 3.87 -23.81 -19.80
CA THR A 232 2.60 -23.37 -20.42
C THR A 232 1.46 -23.57 -19.43
N LEU A 233 0.37 -22.85 -19.66
CA LEU A 233 -0.88 -23.02 -18.88
C LEU A 233 -1.85 -23.81 -19.76
N LEU A 234 -2.11 -25.06 -19.37
CA LEU A 234 -3.03 -25.97 -20.09
C LEU A 234 -4.46 -25.62 -19.67
N LYS A 235 -5.27 -25.17 -20.61
CA LYS A 235 -6.65 -24.72 -20.32
C LYS A 235 -7.49 -25.91 -19.86
N PRO A 236 -8.49 -25.69 -18.99
CA PRO A 236 -9.45 -26.73 -18.64
C PRO A 236 -10.01 -27.45 -19.88
N GLY A 237 -9.95 -28.78 -19.87
CA GLY A 237 -10.48 -29.65 -20.94
C GLY A 237 -9.45 -29.95 -22.01
N ASP A 238 -8.40 -29.13 -22.11
CA ASP A 238 -7.37 -29.26 -23.17
C ASP A 238 -6.40 -30.41 -22.85
N THR A 239 -5.68 -30.86 -23.86
CA THR A 239 -4.67 -31.94 -23.74
C THR A 239 -3.28 -31.40 -24.06
N ILE A 240 -2.30 -31.81 -23.28
CA ILE A 240 -0.87 -31.53 -23.55
C ILE A 240 -0.21 -32.83 -24.02
N ILE A 241 0.56 -32.77 -25.10
CA ILE A 241 1.28 -33.95 -25.64
C ILE A 241 2.77 -33.62 -25.68
N PHE A 242 3.58 -34.49 -25.10
CA PHE A 242 5.05 -34.45 -25.16
C PHE A 242 5.53 -35.55 -26.10
N GLU A 243 6.28 -35.16 -27.12
CA GLU A 243 6.93 -36.13 -28.02
C GLU A 243 8.42 -35.79 -28.00
N ALA A 244 9.27 -36.79 -27.81
CA ALA A 244 10.73 -36.61 -27.68
C ALA A 244 11.43 -37.92 -28.00
N ASN A 245 12.67 -37.82 -28.49
CA ASN A 245 13.58 -38.98 -28.62
C ASN A 245 14.90 -38.66 -27.89
N GLY A 246 14.91 -37.63 -27.05
CA GLY A 246 16.09 -37.32 -26.20
C GLY A 246 16.03 -35.93 -25.63
N ASN A 247 16.84 -35.68 -24.59
CA ASN A 247 17.18 -34.32 -24.10
C ASN A 247 15.98 -33.71 -23.38
N LEU A 248 14.92 -34.50 -23.17
CA LEU A 248 13.68 -34.01 -22.53
C LEU A 248 13.83 -34.18 -21.02
N ILE A 249 13.68 -33.10 -20.28
CA ILE A 249 13.52 -33.14 -18.81
C ILE A 249 12.02 -33.13 -18.54
N ALA A 250 11.44 -34.29 -18.28
CA ALA A 250 9.98 -34.46 -18.38
C ALA A 250 9.30 -33.82 -17.16
N PRO A 251 8.09 -33.28 -17.35
CA PRO A 251 7.24 -32.92 -16.22
C PRO A 251 6.91 -34.18 -15.40
N MET A 252 6.83 -34.03 -14.08
CA MET A 252 6.37 -35.11 -13.18
C MET A 252 5.22 -34.59 -12.31
N TYR A 253 5.39 -33.43 -11.67
CA TYR A 253 4.32 -32.75 -10.89
C TYR A 253 3.91 -31.46 -11.60
N ALA A 254 2.63 -31.12 -11.54
CA ALA A 254 2.06 -29.87 -12.08
C ALA A 254 1.13 -29.24 -11.04
N PHE A 255 0.60 -28.06 -11.36
CA PHE A 255 -0.16 -27.20 -10.42
C PHE A 255 -1.48 -26.79 -11.06
N ALA A 256 -2.59 -27.18 -10.42
CA ALA A 256 -3.95 -26.68 -10.74
C ALA A 256 -4.14 -25.30 -10.10
N LEU A 257 -4.25 -24.26 -10.91
CA LEU A 257 -4.26 -22.85 -10.42
C LEU A 257 -5.69 -22.32 -10.28
N SER A 258 -5.95 -21.64 -9.17
CA SER A 258 -7.14 -20.81 -8.89
C SER A 258 -6.76 -19.34 -8.98
N ARG A 259 -7.57 -18.53 -9.67
CA ARG A 259 -7.30 -17.06 -9.80
C ARG A 259 -7.93 -16.30 -8.64
N GLY A 260 -7.21 -15.28 -8.15
CA GLY A 260 -7.72 -14.31 -7.16
C GLY A 260 -7.52 -12.89 -7.61
N PHE A 261 -8.07 -11.95 -6.85
CA PHE A 261 -7.83 -10.49 -7.01
C PHE A 261 -7.01 -9.99 -5.82
N GLY A 262 -6.21 -8.95 -6.07
CA GLY A 262 -5.50 -8.19 -5.02
C GLY A 262 -4.27 -8.91 -4.50
N SER A 263 -3.78 -9.92 -5.21
CA SER A 263 -2.52 -10.62 -4.86
C SER A 263 -1.33 -9.90 -5.50
N GLY A 264 -0.12 -10.33 -5.16
CA GLY A 264 1.14 -9.80 -5.72
C GLY A 264 2.34 -10.43 -5.07
N ILE A 265 3.52 -10.22 -5.64
CA ILE A 265 4.80 -10.73 -5.09
C ILE A 265 5.55 -9.56 -4.44
N ILE A 266 5.95 -9.74 -3.19
CA ILE A 266 6.80 -8.75 -2.47
C ILE A 266 8.07 -9.45 -2.00
N THR A 267 9.10 -8.66 -1.76
CA THR A 267 10.33 -9.09 -1.06
C THR A 267 10.33 -8.48 0.34
N SER A 268 10.56 -9.29 1.36
CA SER A 268 10.52 -8.84 2.77
C SER A 268 11.54 -9.60 3.61
N ASN A 269 12.12 -8.89 4.57
CA ASN A 269 13.04 -9.43 5.59
C ASN A 269 12.25 -9.72 6.88
N ALA A 270 10.96 -9.34 6.91
CA ALA A 270 10.11 -9.45 8.12
C ALA A 270 9.68 -10.90 8.35
N SER A 271 9.24 -11.20 9.57
CA SER A 271 8.81 -12.54 10.04
C SER A 271 7.29 -12.61 10.16
N MET A 272 6.73 -13.78 9.87
CA MET A 272 5.27 -14.06 10.04
C MET A 272 4.94 -14.08 11.53
N HIS A 273 3.88 -13.37 11.92
CA HIS A 273 3.25 -13.43 13.27
C HIS A 273 1.79 -13.84 13.13
N GLU A 274 1.17 -14.27 14.23
CA GLU A 274 -0.29 -14.53 14.32
C GLU A 274 -1.01 -13.19 14.47
N CYS A 275 -1.15 -12.46 13.37
CA CYS A 275 -1.84 -11.14 13.31
C CYS A 275 -2.64 -11.04 12.02
N ASN A 276 -3.55 -10.07 11.94
CA ASN A 276 -4.41 -9.88 10.75
C ASN A 276 -4.48 -8.39 10.42
N THR A 277 -4.38 -8.07 9.14
CA THR A 277 -4.42 -6.65 8.66
C THR A 277 -5.25 -6.55 7.38
N LYS A 278 -5.60 -5.33 7.02
CA LYS A 278 -6.22 -5.00 5.72
C LYS A 278 -5.14 -4.48 4.77
N CYS A 279 -3.96 -4.10 5.29
CA CYS A 279 -2.88 -3.46 4.49
C CYS A 279 -1.52 -4.00 4.92
N GLN A 280 -0.80 -4.68 4.02
CA GLN A 280 0.55 -5.22 4.30
C GLN A 280 1.59 -4.55 3.41
N THR A 281 2.71 -4.14 3.99
CA THR A 281 3.91 -3.63 3.26
C THR A 281 5.10 -4.53 3.57
N PRO A 282 6.19 -4.47 2.77
CA PRO A 282 7.41 -5.23 3.06
C PRO A 282 8.09 -4.89 4.41
N LEU A 283 7.77 -3.75 5.02
CA LEU A 283 8.37 -3.35 6.32
C LEU A 283 7.47 -3.78 7.47
N GLY A 284 6.17 -4.01 7.22
CA GLY A 284 5.20 -4.26 8.29
C GLY A 284 3.79 -3.93 7.87
N ALA A 285 2.81 -4.31 8.69
CA ALA A 285 1.37 -4.10 8.40
C ALA A 285 0.96 -2.71 8.90
N ILE A 286 0.04 -2.09 8.18
CA ILE A 286 -0.54 -0.76 8.53
C ILE A 286 -1.98 -0.99 8.99
N ASN A 287 -2.32 -0.44 10.15
CA ASN A 287 -3.72 -0.45 10.67
C ASN A 287 -4.18 1.00 10.78
N SER A 288 -4.74 1.55 9.69
CA SER A 288 -4.99 3.00 9.55
C SER A 288 -6.13 3.27 8.57
N SER A 289 -6.91 4.29 8.87
CA SER A 289 -7.97 4.88 8.01
C SER A 289 -7.45 6.19 7.40
N LEU A 290 -6.21 6.55 7.69
CA LEU A 290 -5.60 7.81 7.17
C LEU A 290 -5.40 7.71 5.66
N PRO A 291 -5.62 8.80 4.92
CA PRO A 291 -5.54 8.77 3.46
C PRO A 291 -4.13 8.62 2.88
N TYR A 292 -3.09 9.06 3.58
CA TYR A 292 -1.70 9.06 3.07
C TYR A 292 -0.78 8.25 3.99
N GLN A 293 0.34 7.78 3.44
CA GLN A 293 1.42 7.12 4.22
C GLN A 293 2.76 7.35 3.53
N ASN A 294 3.83 7.37 4.33
CA ASN A 294 5.21 7.56 3.82
C ASN A 294 6.06 6.35 4.20
N ILE A 295 5.42 5.20 4.40
CA ILE A 295 6.09 3.98 4.90
C ILE A 295 6.75 3.25 3.72
N HIS A 296 5.99 2.97 2.66
CA HIS A 296 6.50 2.19 1.51
C HIS A 296 5.59 2.31 0.31
N PRO A 297 6.15 2.37 -0.93
CA PRO A 297 5.34 2.38 -2.15
C PRO A 297 4.74 1.02 -2.50
N VAL A 298 5.27 -0.07 -1.94
CA VAL A 298 4.73 -1.43 -2.17
C VAL A 298 3.65 -1.72 -1.11
N THR A 299 2.44 -2.00 -1.58
CA THR A 299 1.25 -2.22 -0.70
C THR A 299 0.48 -3.43 -1.21
N ILE A 300 -0.01 -4.26 -0.28
CA ILE A 300 -0.98 -5.34 -0.56
C ILE A 300 -2.26 -5.01 0.21
N GLY A 301 -3.41 -4.96 -0.47
CA GLY A 301 -4.74 -4.88 0.15
C GLY A 301 -5.37 -3.50 -0.04
N GLU A 302 -5.85 -2.90 1.04
CA GLU A 302 -6.53 -1.58 1.02
C GLU A 302 -5.72 -0.63 1.89
N CYS A 303 -4.91 0.22 1.27
CA CYS A 303 -3.83 0.97 1.94
C CYS A 303 -4.02 2.47 1.71
N PRO A 304 -3.48 3.32 2.59
CA PRO A 304 -3.36 4.73 2.26
C PRO A 304 -2.41 4.92 1.06
N LYS A 305 -2.59 6.02 0.32
CA LYS A 305 -1.75 6.37 -0.85
C LYS A 305 -0.34 6.73 -0.36
N TYR A 306 0.68 6.15 -0.99
CA TYR A 306 2.09 6.41 -0.62
C TYR A 306 2.50 7.78 -1.18
N VAL A 307 3.15 8.58 -0.34
CA VAL A 307 3.73 9.90 -0.74
C VAL A 307 5.10 10.06 -0.09
N ARG A 308 5.92 10.97 -0.61
CA ARG A 308 7.29 11.21 -0.08
C ARG A 308 7.24 12.18 1.10
N SER A 309 6.09 12.80 1.39
CA SER A 309 5.98 13.87 2.40
C SER A 309 6.49 13.39 3.76
N ALA A 310 7.14 14.28 4.51
CA ALA A 310 7.62 14.04 5.89
C ALA A 310 6.51 14.36 6.88
N LYS A 311 5.60 15.28 6.52
CA LYS A 311 4.53 15.77 7.40
C LYS A 311 3.33 16.17 6.53
N LEU A 312 2.13 15.78 6.94
CA LEU A 312 0.87 16.28 6.34
C LEU A 312 -0.12 16.44 7.49
N ARG A 313 -0.21 17.65 8.03
CA ARG A 313 -1.09 17.95 9.17
C ARG A 313 -2.02 19.09 8.77
N MET A 314 -3.31 18.85 8.90
CA MET A 314 -4.35 19.85 8.55
C MET A 314 -4.78 20.54 9.84
N VAL A 315 -4.81 21.87 9.85
CA VAL A 315 -5.39 22.65 10.97
C VAL A 315 -6.91 22.50 10.95
N THR A 316 -7.50 22.31 12.12
CA THR A 316 -8.97 22.32 12.36
C THR A 316 -9.35 23.47 13.29
N GLY A 317 -8.55 23.72 14.32
CA GLY A 317 -8.79 24.81 15.30
C GLY A 317 -8.23 26.12 14.81
N LEU A 318 -7.76 26.96 15.73
CA LEU A 318 -7.40 28.37 15.45
C LEU A 318 -5.92 28.59 15.71
N ARG A 319 -5.39 29.71 15.23
CA ARG A 319 -4.03 30.14 15.62
C ARG A 319 -4.01 30.26 17.15
N ASN A 320 -3.10 29.55 17.80
CA ASN A 320 -3.08 29.41 19.28
C ASN A 320 -2.23 30.54 19.87
N ILE A 321 -2.86 31.44 20.61
CA ILE A 321 -2.21 32.64 21.20
C ILE A 321 -2.59 32.70 22.68
N PRO A 322 -1.98 31.86 23.54
CA PRO A 322 -2.44 31.72 24.92
C PRO A 322 -1.90 32.87 25.80
N SER A 323 -1.03 33.72 25.25
CA SER A 323 -0.38 34.86 25.96
C SER A 323 -1.44 35.69 26.70
N GLY B 1 -4.50 37.74 10.75
CA GLY B 1 -5.25 36.95 9.74
C GLY B 1 -5.93 37.84 8.71
N LEU B 2 -6.59 37.23 7.72
CA LEU B 2 -7.12 37.95 6.54
C LEU B 2 -8.20 38.95 6.97
N PHE B 3 -8.95 38.68 8.04
CA PHE B 3 -10.10 39.51 8.47
C PHE B 3 -9.74 40.43 9.65
N GLY B 4 -8.49 40.42 10.12
CA GLY B 4 -7.95 41.40 11.08
C GLY B 4 -8.45 41.22 12.51
N ALA B 5 -9.20 40.16 12.82
CA ALA B 5 -9.70 39.92 14.20
C ALA B 5 -8.67 39.12 15.00
N ILE B 6 -8.46 37.87 14.63
CA ILE B 6 -7.51 36.96 15.34
C ILE B 6 -6.09 37.48 15.10
N ALA B 7 -5.31 37.61 16.17
CA ALA B 7 -3.96 38.22 16.16
C ALA B 7 -4.04 39.59 15.46
N GLY B 8 -5.14 40.31 15.65
CA GLY B 8 -5.38 41.65 15.11
C GLY B 8 -5.84 42.59 16.20
N PHE B 9 -7.03 43.17 16.05
CA PHE B 9 -7.61 44.09 17.06
C PHE B 9 -7.96 43.30 18.34
N ILE B 10 -8.11 41.97 18.26
CA ILE B 10 -8.18 41.07 19.45
C ILE B 10 -6.85 40.32 19.54
N GLU B 11 -5.94 40.80 20.40
CA GLU B 11 -4.51 40.42 20.41
C GLU B 11 -4.31 38.93 20.72
N GLY B 12 -5.14 38.36 21.61
CA GLY B 12 -4.87 37.05 22.24
C GLY B 12 -6.11 36.21 22.42
N GLY B 13 -5.91 34.92 22.71
CA GLY B 13 -6.97 33.94 22.97
C GLY B 13 -7.25 33.82 24.45
N TRP B 14 -8.32 33.10 24.80
CA TRP B 14 -8.73 32.90 26.21
C TRP B 14 -8.58 31.41 26.54
N THR B 15 -7.57 31.05 27.32
CA THR B 15 -7.42 29.67 27.86
C THR B 15 -8.60 29.39 28.81
N GLY B 16 -9.16 30.44 29.40
CA GLY B 16 -10.31 30.35 30.32
C GLY B 16 -11.57 29.85 29.64
N MET B 17 -11.69 30.00 28.32
CA MET B 17 -12.92 29.62 27.57
C MET B 17 -12.71 28.24 26.95
N ILE B 18 -13.27 27.20 27.54
CA ILE B 18 -12.91 25.79 27.22
C ILE B 18 -14.04 25.09 26.45
N ASP B 19 -15.18 25.76 26.22
CA ASP B 19 -16.41 25.09 25.72
C ASP B 19 -16.71 25.46 24.26
N GLY B 20 -15.81 26.14 23.58
CA GLY B 20 -15.99 26.51 22.16
C GLY B 20 -14.86 27.36 21.63
N TRP B 21 -14.83 27.56 20.32
CA TRP B 21 -13.76 28.30 19.62
C TRP B 21 -13.95 29.80 19.84
N TYR B 22 -15.22 30.24 19.87
CA TYR B 22 -15.60 31.67 19.95
C TYR B 22 -16.61 31.84 21.08
N GLY B 23 -16.59 33.01 21.72
CA GLY B 23 -17.59 33.34 22.74
C GLY B 23 -17.32 34.65 23.45
N TYR B 24 -17.79 34.75 24.68
CA TYR B 24 -17.94 36.03 25.41
C TYR B 24 -17.30 35.92 26.79
N HIS B 25 -16.69 37.03 27.21
CA HIS B 25 -16.31 37.28 28.62
C HIS B 25 -17.05 38.52 29.09
N HIS B 26 -17.71 38.44 30.24
CA HIS B 26 -18.52 39.55 30.79
C HIS B 26 -18.03 39.94 32.17
N GLN B 27 -18.23 41.20 32.53
CA GLN B 27 -18.00 41.72 33.89
C GLN B 27 -19.16 42.65 34.24
N ASN B 28 -19.86 42.32 35.32
CA ASN B 28 -20.95 43.18 35.86
C ASN B 28 -20.92 43.08 37.37
N GLU B 29 -21.90 43.70 38.03
CA GLU B 29 -22.00 43.73 39.51
C GLU B 29 -22.03 42.31 40.06
N GLN B 30 -22.71 41.39 39.37
CA GLN B 30 -22.98 40.01 39.87
C GLN B 30 -21.69 39.17 39.81
N GLY B 31 -20.73 39.54 38.98
CA GLY B 31 -19.42 38.87 38.87
C GLY B 31 -18.93 38.85 37.45
N SER B 32 -18.05 37.91 37.11
CA SER B 32 -17.45 37.78 35.77
C SER B 32 -17.37 36.31 35.39
N GLY B 33 -17.26 36.03 34.08
CA GLY B 33 -17.15 34.66 33.57
C GLY B 33 -17.08 34.61 32.06
N TYR B 34 -16.70 33.44 31.54
CA TYR B 34 -16.64 33.12 30.09
C TYR B 34 -17.82 32.22 29.73
N ALA B 35 -18.28 32.35 28.49
CA ALA B 35 -19.27 31.43 27.89
C ALA B 35 -19.04 31.38 26.39
N ALA B 36 -18.84 30.18 25.84
CA ALA B 36 -18.66 29.95 24.38
C ALA B 36 -19.99 30.22 23.68
N ASP B 37 -19.94 30.76 22.47
CA ASP B 37 -21.13 30.86 21.60
C ASP B 37 -21.33 29.52 20.90
N GLN B 38 -22.35 28.76 21.28
CA GLN B 38 -22.57 27.37 20.79
C GLN B 38 -22.94 27.39 19.31
N LYS B 39 -23.78 28.33 18.89
CA LYS B 39 -24.28 28.39 17.50
C LYS B 39 -23.10 28.56 16.54
N SER B 40 -22.29 29.60 16.72
CA SER B 40 -21.17 29.89 15.80
C SER B 40 -20.12 28.78 15.88
N THR B 41 -19.90 28.22 17.08
CA THR B 41 -18.92 27.14 17.31
C THR B 41 -19.38 25.88 16.56
N GLN B 42 -20.63 25.46 16.78
CA GLN B 42 -21.14 24.19 16.20
C GLN B 42 -21.10 24.27 14.67
N ASN B 43 -21.55 25.40 14.11
CA ASN B 43 -21.54 25.64 12.64
C ASN B 43 -20.10 25.47 12.14
N ALA B 44 -19.12 26.04 12.85
CA ALA B 44 -17.70 26.01 12.45
C ALA B 44 -17.21 24.55 12.46
N ILE B 45 -17.58 23.79 13.49
CA ILE B 45 -17.17 22.37 13.65
C ILE B 45 -17.71 21.56 12.46
N ASN B 46 -18.97 21.81 12.09
CA ASN B 46 -19.63 21.08 10.98
C ASN B 46 -18.88 21.36 9.68
N GLY B 47 -18.61 22.64 9.39
CA GLY B 47 -17.83 23.05 8.20
C GLY B 47 -16.48 22.36 8.17
N ILE B 48 -15.70 22.50 9.24
CA ILE B 48 -14.32 21.95 9.29
C ILE B 48 -14.40 20.43 9.22
N THR B 49 -15.39 19.82 9.86
CA THR B 49 -15.54 18.34 9.81
C THR B 49 -15.85 17.92 8.38
N ASN B 50 -16.71 18.67 7.68
CA ASN B 50 -17.03 18.42 6.26
C ASN B 50 -15.74 18.58 5.43
N LYS B 51 -14.92 19.59 5.75
CA LYS B 51 -13.69 19.88 4.97
C LYS B 51 -12.71 18.72 5.13
N VAL B 52 -12.49 18.25 6.37
CA VAL B 52 -11.56 17.13 6.66
C VAL B 52 -12.09 15.88 5.95
N ASN B 53 -13.36 15.56 6.13
CA ASN B 53 -13.97 14.34 5.54
C ASN B 53 -13.83 14.42 4.01
N THR B 54 -14.07 15.60 3.42
CA THR B 54 -13.97 15.79 1.95
C THR B 54 -12.56 15.45 1.49
N VAL B 55 -11.54 15.96 2.18
CA VAL B 55 -10.13 15.71 1.80
C VAL B 55 -9.87 14.21 1.85
N ILE B 56 -10.32 13.52 2.90
CA ILE B 56 -10.06 12.07 3.05
C ILE B 56 -10.85 11.33 1.96
N GLU B 57 -12.12 11.70 1.79
CA GLU B 57 -13.04 11.04 0.82
C GLU B 57 -12.42 11.06 -0.58
N LYS B 58 -11.74 12.15 -0.98
CA LYS B 58 -11.22 12.31 -2.38
C LYS B 58 -10.08 11.34 -2.64
N MET B 59 -9.28 11.00 -1.63
CA MET B 59 -8.20 10.00 -1.82
C MET B 59 -8.84 8.62 -1.72
N ASN B 60 -9.05 7.97 -2.87
CA ASN B 60 -9.67 6.63 -2.93
C ASN B 60 -8.70 5.63 -2.31
N ILE B 61 -9.24 4.50 -1.85
CA ILE B 61 -8.40 3.40 -1.28
C ILE B 61 -7.32 3.09 -2.32
N GLN B 62 -6.09 2.85 -1.85
CA GLN B 62 -5.03 2.29 -2.73
C GLN B 62 -5.23 0.78 -2.72
N PHE B 63 -5.30 0.15 -3.89
CA PHE B 63 -5.32 -1.33 -4.01
C PHE B 63 -3.89 -1.81 -4.32
N THR B 64 -3.70 -3.12 -4.24
CA THR B 64 -2.37 -3.77 -4.36
C THR B 64 -1.60 -3.12 -5.51
N ALA B 65 -0.42 -2.57 -5.20
CA ALA B 65 0.53 -1.99 -6.17
C ALA B 65 1.94 -2.51 -5.82
N VAL B 66 2.52 -3.36 -6.66
CA VAL B 66 3.80 -4.05 -6.36
C VAL B 66 4.77 -3.88 -7.55
N GLY B 67 6.06 -4.11 -7.28
CA GLY B 67 7.12 -4.08 -8.30
C GLY B 67 6.88 -5.11 -9.41
N LYS B 68 7.41 -4.85 -10.59
CA LYS B 68 7.47 -5.86 -11.68
C LYS B 68 8.94 -6.17 -11.96
N GLU B 69 9.22 -7.31 -12.58
CA GLU B 69 10.60 -7.72 -12.91
C GLU B 69 10.77 -7.80 -14.43
N PHE B 70 11.97 -7.47 -14.90
CA PHE B 70 12.31 -7.43 -16.34
C PHE B 70 13.70 -8.03 -16.52
N ASN B 71 13.86 -8.81 -17.57
CA ASN B 71 15.16 -9.48 -17.87
C ASN B 71 16.12 -8.46 -18.48
N LYS B 72 17.37 -8.88 -18.66
CA LYS B 72 18.49 -8.02 -19.11
C LYS B 72 18.20 -7.41 -20.49
N LEU B 73 17.24 -7.94 -21.26
CA LEU B 73 16.95 -7.43 -22.62
C LEU B 73 15.61 -6.69 -22.65
N GLU B 74 15.09 -6.26 -21.51
CA GLU B 74 13.84 -5.45 -21.41
C GLU B 74 14.13 -4.18 -20.61
N LYS B 75 15.30 -3.58 -20.80
CA LYS B 75 15.76 -2.41 -20.01
C LYS B 75 14.84 -1.21 -20.28
N ARG B 76 14.43 -1.01 -21.53
CA ARG B 76 13.50 0.09 -21.92
C ARG B 76 12.20 -0.05 -21.12
N MET B 77 11.56 -1.23 -21.16
CA MET B 77 10.27 -1.46 -20.47
C MET B 77 10.44 -1.20 -18.96
N GLU B 78 11.56 -1.64 -18.37
CA GLU B 78 11.86 -1.42 -16.92
C GLU B 78 11.87 0.08 -16.62
N ASN B 79 12.58 0.86 -17.44
CA ASN B 79 12.71 2.33 -17.29
C ASN B 79 11.34 2.98 -17.51
N LEU B 80 10.57 2.49 -18.48
CA LEU B 80 9.19 3.00 -18.71
C LEU B 80 8.37 2.79 -17.43
N ASN B 81 8.40 1.58 -16.88
CA ASN B 81 7.64 1.25 -15.65
C ASN B 81 8.08 2.20 -14.52
N LYS B 82 9.38 2.41 -14.38
CA LYS B 82 9.96 3.30 -13.34
C LYS B 82 9.47 4.74 -13.61
N LYS B 83 9.55 5.19 -14.86
CA LYS B 83 9.07 6.53 -15.27
C LYS B 83 7.62 6.71 -14.80
N VAL B 84 6.76 5.74 -15.09
CA VAL B 84 5.31 5.77 -14.73
C VAL B 84 5.19 5.87 -13.21
N ASP B 85 5.86 4.98 -12.49
CA ASP B 85 5.76 4.91 -11.00
C ASP B 85 6.23 6.24 -10.41
N ASP B 86 7.40 6.72 -10.84
CA ASP B 86 7.99 7.99 -10.34
C ASP B 86 7.08 9.15 -10.71
N GLY B 87 6.55 9.17 -11.94
CA GLY B 87 5.66 10.25 -12.41
C GLY B 87 4.43 10.38 -11.52
N PHE B 88 3.76 9.27 -11.26
CA PHE B 88 2.53 9.26 -10.42
C PHE B 88 2.88 9.71 -9.01
N LEU B 89 4.00 9.23 -8.47
CA LEU B 89 4.41 9.57 -7.07
C LEU B 89 4.68 11.08 -6.99
N ASP B 90 5.38 11.65 -7.97
CA ASP B 90 5.65 13.10 -8.03
C ASP B 90 4.33 13.86 -7.95
N ILE B 91 3.34 13.42 -8.72
CA ILE B 91 2.05 14.16 -8.85
C ILE B 91 1.31 14.08 -7.52
N TRP B 92 1.19 12.89 -6.93
CA TRP B 92 0.38 12.73 -5.69
C TRP B 92 1.02 13.52 -4.55
N THR B 93 2.36 13.51 -4.48
CA THR B 93 3.08 14.25 -3.43
C THR B 93 2.81 15.74 -3.59
N TYR B 94 2.95 16.26 -4.82
CA TYR B 94 2.62 17.66 -5.17
C TYR B 94 1.18 17.96 -4.75
N ASN B 95 0.22 17.12 -5.17
CA ASN B 95 -1.22 17.36 -4.90
C ASN B 95 -1.47 17.40 -3.38
N ALA B 96 -0.95 16.43 -2.64
CA ALA B 96 -1.20 16.30 -1.18
C ALA B 96 -0.71 17.55 -0.45
N GLU B 97 0.54 17.96 -0.72
CA GLU B 97 1.20 19.06 0.03
C GLU B 97 0.45 20.37 -0.25
N LEU B 98 0.10 20.61 -1.52
CA LEU B 98 -0.53 21.88 -1.96
C LEU B 98 -1.94 21.97 -1.37
N LEU B 99 -2.69 20.86 -1.38
CA LEU B 99 -4.08 20.84 -0.88
C LEU B 99 -4.08 21.20 0.60
N VAL B 100 -3.14 20.64 1.36
CA VAL B 100 -3.07 20.85 2.82
C VAL B 100 -2.68 22.31 3.09
N LEU B 101 -1.70 22.84 2.36
CA LEU B 101 -1.28 24.26 2.58
C LEU B 101 -2.46 25.19 2.30
N LEU B 102 -3.19 24.97 1.20
CA LEU B 102 -4.30 25.89 0.78
C LEU B 102 -5.42 25.80 1.81
N GLU B 103 -5.83 24.59 2.17
CA GLU B 103 -6.95 24.38 3.12
C GLU B 103 -6.58 24.96 4.48
N ASN B 104 -5.31 24.83 4.88
CA ASN B 104 -4.82 25.41 6.16
C ASN B 104 -5.00 26.93 6.12
N GLU B 105 -4.57 27.57 5.04
CA GLU B 105 -4.72 29.03 4.84
C GLU B 105 -6.21 29.37 4.93
N ARG B 106 -7.06 28.62 4.21
CA ARG B 106 -8.52 28.90 4.14
C ARG B 106 -9.12 28.71 5.54
N THR B 107 -8.65 27.71 6.28
CA THR B 107 -9.17 27.40 7.63
C THR B 107 -8.88 28.57 8.57
N LEU B 108 -7.64 29.01 8.65
CA LEU B 108 -7.25 30.13 9.56
C LEU B 108 -8.08 31.36 9.19
N ASP B 109 -8.23 31.65 7.89
CA ASP B 109 -9.05 32.79 7.40
C ASP B 109 -10.50 32.60 7.83
N PHE B 110 -11.01 31.37 7.75
CA PHE B 110 -12.42 31.07 8.08
C PHE B 110 -12.68 31.41 9.55
N HIS B 111 -11.81 30.97 10.45
CA HIS B 111 -11.94 31.27 11.90
C HIS B 111 -11.91 32.78 12.09
N ASP B 112 -10.98 33.47 11.44
CA ASP B 112 -10.82 34.95 11.53
C ASP B 112 -12.15 35.60 11.13
N SER B 113 -12.72 35.19 10.00
CA SER B 113 -14.04 35.67 9.51
C SER B 113 -15.11 35.44 10.59
N ASN B 114 -15.18 34.23 11.15
CA ASN B 114 -16.24 33.86 12.13
C ASN B 114 -16.16 34.78 13.35
N VAL B 115 -14.94 35.06 13.84
CA VAL B 115 -14.71 35.92 15.03
C VAL B 115 -15.14 37.36 14.70
N LYS B 116 -14.67 37.91 13.57
CA LYS B 116 -15.05 39.29 13.17
C LYS B 116 -16.58 39.38 13.06
N ASN B 117 -17.23 38.38 12.43
CA ASN B 117 -18.70 38.41 12.23
C ASN B 117 -19.40 38.42 13.58
N LEU B 118 -18.88 37.69 14.57
CA LEU B 118 -19.50 37.62 15.91
C LEU B 118 -19.39 38.99 16.59
N TYR B 119 -18.23 39.62 16.49
CA TYR B 119 -18.01 40.98 17.05
C TYR B 119 -18.99 41.97 16.40
N GLU B 120 -19.04 42.03 15.07
CA GLU B 120 -19.92 43.00 14.34
C GLU B 120 -21.37 42.73 14.71
N LYS B 121 -21.76 41.46 14.88
CA LYS B 121 -23.14 41.07 15.23
C LYS B 121 -23.49 41.67 16.60
N VAL B 122 -22.57 41.55 17.56
CA VAL B 122 -22.72 42.15 18.92
C VAL B 122 -22.77 43.67 18.78
N LYS B 123 -21.81 44.26 18.05
CA LYS B 123 -21.72 45.72 17.84
C LYS B 123 -23.08 46.26 17.38
N SER B 124 -23.68 45.62 16.37
CA SER B 124 -24.92 46.13 15.70
C SER B 124 -26.11 45.98 16.65
N GLN B 125 -26.10 44.98 17.53
CA GLN B 125 -27.16 44.75 18.54
C GLN B 125 -27.10 45.88 19.58
N LEU B 126 -25.91 46.16 20.14
CA LEU B 126 -25.72 47.12 21.25
C LEU B 126 -25.96 48.55 20.74
N LYS B 127 -25.53 48.86 19.52
CA LYS B 127 -25.57 50.23 18.95
C LYS B 127 -24.89 51.19 19.93
N ASN B 128 -25.53 52.31 20.28
CA ASN B 128 -24.88 53.39 21.07
C ASN B 128 -25.20 53.23 22.56
N ASN B 129 -25.74 52.09 22.98
CA ASN B 129 -25.96 51.80 24.43
C ASN B 129 -24.66 51.35 25.09
N ALA B 130 -23.59 51.19 24.30
CA ALA B 130 -22.24 50.87 24.80
C ALA B 130 -21.20 51.54 23.90
N LYS B 131 -19.97 51.66 24.39
CA LYS B 131 -18.86 52.22 23.60
C LYS B 131 -17.84 51.11 23.33
N GLU B 132 -17.25 51.13 22.12
CA GLU B 132 -16.12 50.28 21.72
C GLU B 132 -14.87 50.76 22.46
N ILE B 133 -14.24 49.88 23.25
CA ILE B 133 -13.12 50.26 24.13
C ILE B 133 -11.86 49.52 23.68
N GLY B 134 -11.86 49.01 22.45
CA GLY B 134 -10.74 48.25 21.85
C GLY B 134 -10.66 46.83 22.36
N ASN B 135 -9.83 46.02 21.69
CA ASN B 135 -9.55 44.62 22.07
C ASN B 135 -10.86 43.82 22.09
N GLY B 136 -11.82 44.21 21.24
CA GLY B 136 -13.08 43.47 21.03
C GLY B 136 -14.02 43.60 22.21
N CYS B 137 -13.81 44.59 23.08
CA CYS B 137 -14.62 44.79 24.31
C CYS B 137 -15.57 45.97 24.12
N PHE B 138 -16.74 45.87 24.75
CA PHE B 138 -17.73 46.96 24.85
C PHE B 138 -17.89 47.30 26.34
N GLU B 139 -17.97 48.59 26.65
CA GLU B 139 -18.31 49.06 28.02
C GLU B 139 -19.70 49.67 27.98
N PHE B 140 -20.63 49.14 28.76
CA PHE B 140 -22.05 49.58 28.75
C PHE B 140 -22.17 50.97 29.37
N TYR B 141 -23.11 51.75 28.85
CA TYR B 141 -23.56 53.04 29.42
C TYR B 141 -24.77 52.80 30.34
N HIS B 142 -25.15 51.55 30.57
CA HIS B 142 -26.23 51.20 31.51
C HIS B 142 -25.82 49.99 32.34
N LYS B 143 -26.56 49.71 33.40
CA LYS B 143 -26.35 48.48 34.23
C LYS B 143 -26.78 47.28 33.40
N CYS B 144 -25.92 46.25 33.30
CA CYS B 144 -26.19 45.03 32.49
C CYS B 144 -25.95 43.77 33.33
N ASP B 145 -27.02 43.25 33.93
CA ASP B 145 -27.00 42.01 34.78
C ASP B 145 -26.84 40.78 33.88
N ASN B 146 -26.81 39.59 34.50
CA ASN B 146 -26.60 38.30 33.81
C ASN B 146 -27.73 38.05 32.80
N GLU B 147 -28.95 38.49 33.08
CA GLU B 147 -30.09 38.36 32.13
C GLU B 147 -29.77 39.19 30.88
N CYS B 148 -29.38 40.45 31.08
CA CYS B 148 -28.96 41.39 30.00
C CYS B 148 -27.85 40.73 29.19
N MET B 149 -26.84 40.21 29.88
CA MET B 149 -25.66 39.55 29.26
C MET B 149 -26.15 38.35 28.40
N GLU B 150 -27.09 37.56 28.92
CA GLU B 150 -27.64 36.39 28.17
C GLU B 150 -28.37 36.88 26.92
N SER B 151 -29.10 37.99 26.98
CA SER B 151 -29.87 38.50 25.82
C SER B 151 -28.90 38.85 24.68
N VAL B 152 -27.74 39.43 24.99
CA VAL B 152 -26.71 39.74 23.94
C VAL B 152 -26.15 38.42 23.41
N ARG B 153 -25.80 37.53 24.33
CA ARG B 153 -25.14 36.24 24.01
C ARG B 153 -26.07 35.40 23.13
N ASN B 154 -27.39 35.48 23.32
CA ASN B 154 -28.36 34.65 22.57
C ASN B 154 -29.10 35.49 21.53
N GLY B 155 -28.65 36.72 21.29
CA GLY B 155 -29.07 37.57 20.16
C GLY B 155 -30.45 38.20 20.31
N THR B 156 -30.93 38.48 21.52
CA THR B 156 -32.28 39.08 21.73
C THR B 156 -32.19 40.39 22.51
N TYR B 157 -31.04 41.07 22.51
CA TYR B 157 -30.81 42.32 23.28
C TYR B 157 -31.86 43.37 22.93
N ASP B 158 -32.39 44.04 23.96
CA ASP B 158 -33.54 45.00 23.85
C ASP B 158 -33.01 46.42 23.98
N TYR B 159 -32.67 47.06 22.85
CA TYR B 159 -32.07 48.41 22.81
C TYR B 159 -32.97 49.42 23.53
N PRO B 160 -34.26 49.56 23.14
CA PRO B 160 -35.14 50.56 23.77
C PRO B 160 -35.22 50.47 25.30
N LYS B 161 -35.18 49.27 25.87
CA LYS B 161 -35.28 49.03 27.33
C LYS B 161 -34.23 49.87 28.07
N TYR B 162 -33.02 50.00 27.52
CA TYR B 162 -31.91 50.70 28.22
C TYR B 162 -31.53 52.00 27.52
N SER B 163 -32.25 52.40 26.48
CA SER B 163 -31.86 53.55 25.62
C SER B 163 -31.83 54.85 26.44
N GLU B 164 -32.80 55.05 27.33
CA GLU B 164 -32.92 56.27 28.18
C GLU B 164 -31.73 56.34 29.13
N GLU B 165 -31.54 55.28 29.92
CA GLU B 165 -30.44 55.18 30.93
C GLU B 165 -29.10 55.40 30.22
N SER B 166 -28.89 54.73 29.08
CA SER B 166 -27.64 54.85 28.27
C SER B 166 -27.46 56.31 27.86
N LYS B 167 -28.49 56.92 27.29
CA LYS B 167 -28.45 58.33 26.83
C LYS B 167 -28.03 59.21 28.01
N LEU B 168 -28.68 59.02 29.16
CA LEU B 168 -28.38 59.79 30.39
C LEU B 168 -26.90 59.62 30.74
N ASN B 169 -26.39 58.39 30.65
CA ASN B 169 -25.00 58.07 31.08
C ASN B 169 -24.01 58.66 30.08
N ARG B 170 -24.35 58.63 28.79
CA ARG B 170 -23.47 59.10 27.68
C ARG B 170 -23.34 60.62 27.75
N GLU B 171 -24.41 61.30 28.19
CA GLU B 171 -24.48 62.78 28.36
C GLU B 171 -23.95 63.48 27.09
C1 NAG C . -6.48 -1.13 14.70
C2 NAG C . -6.37 -1.87 16.02
C3 NAG C . -7.70 -1.79 16.78
C4 NAG C . -8.10 -0.33 16.94
C5 NAG C . -8.18 0.30 15.55
C6 NAG C . -8.63 1.76 15.57
C7 NAG C . -6.60 -4.14 15.09
C8 NAG C . -5.96 -5.49 14.97
N2 NAG C . -5.94 -3.25 15.84
O3 NAG C . -7.55 -2.42 18.06
O4 NAG C . -9.36 -0.22 17.63
O5 NAG C . -6.89 0.22 14.94
O6 NAG C . -7.80 2.53 16.46
O7 NAG C . -7.65 -3.87 14.52
C1 NAG C . -9.35 0.33 18.86
C2 NAG C . -10.62 1.04 19.28
C3 NAG C . -10.49 1.70 20.65
C4 NAG C . -10.00 0.69 21.69
C5 NAG C . -8.68 0.08 21.22
C6 NAG C . -8.17 -0.99 22.19
C7 NAG C . -12.04 1.84 17.42
C8 NAG C . -12.31 2.97 16.46
N2 NAG C . -11.03 2.03 18.28
O3 NAG C . -11.76 2.23 21.05
O4 NAG C . -9.84 1.33 22.96
O5 NAG C . -8.84 -0.50 19.92
O6 NAG C . -8.51 -2.31 21.73
O7 NAG C . -12.71 0.81 17.39
C1 NAG D . 8.21 26.63 15.68
C2 NAG D . 9.73 26.61 15.85
C3 NAG D . 10.10 26.11 17.25
C4 NAG D . 9.38 26.94 18.32
C5 NAG D . 7.87 26.99 18.05
C6 NAG D . 7.14 27.88 19.03
C7 NAG D . 11.01 26.25 13.77
C8 NAG D . 11.60 25.23 12.85
N2 NAG D . 10.36 25.77 14.84
O3 NAG D . 11.52 26.20 17.40
O4 NAG D . 9.62 26.39 19.64
O5 NAG D . 7.64 27.46 16.71
O6 NAG D . 7.82 29.13 19.19
O7 NAG D . 11.11 27.45 13.55
C1 NAG D . 10.45 27.08 20.44
C2 NAG D . 10.24 27.07 21.95
C3 NAG D . 11.16 28.04 22.67
C4 NAG D . 12.61 27.83 22.20
C5 NAG D . 12.71 27.92 20.68
C6 NAG D . 14.12 27.59 20.17
C7 NAG D . 8.01 26.35 22.67
C8 NAG D . 6.61 26.76 23.03
N2 NAG D . 8.84 27.32 22.29
O3 NAG D . 11.03 27.81 24.08
O4 NAG D . 13.47 28.82 22.80
O5 NAG D . 11.84 26.96 20.08
O6 NAG D . 14.89 28.80 20.04
O7 NAG D . 8.35 25.18 22.75
C1 BMA D . 14.21 28.54 23.87
C2 BMA D . 15.51 29.35 24.00
C3 BMA D . 16.27 29.16 25.31
C4 BMA D . 15.33 29.02 26.51
C5 BMA D . 14.27 27.96 26.23
C6 BMA D . 13.33 27.73 27.44
O2 BMA D . 15.14 30.72 23.87
O3 BMA D . 17.17 30.27 25.48
O4 BMA D . 16.06 28.68 27.70
O5 BMA D . 13.50 28.38 25.10
O6 BMA D . 12.24 26.89 27.06
C1 NAG E . -32.16 34.99 25.69
C2 NAG E . -33.46 34.23 25.46
C3 NAG E . -34.61 35.09 25.96
C4 NAG E . -34.37 35.38 27.44
C5 NAG E . -33.02 36.07 27.65
C6 NAG E . -32.69 36.31 29.12
C7 NAG E . -33.29 32.70 23.55
C8 NAG E . -33.51 32.54 22.07
N2 NAG E . -33.62 33.89 24.05
O3 NAG E . -35.84 34.42 25.72
O4 NAG E . -35.45 36.16 28.01
O5 NAG E . -31.98 35.27 27.08
O6 NAG E . -32.76 35.10 29.89
O7 NAG E . -32.84 31.80 24.22
C1 NAG E . -36.23 35.63 28.98
C2 NAG E . -36.39 34.10 29.01
C3 NAG E . -37.28 33.64 30.15
C4 NAG E . -36.89 34.31 31.47
C5 NAG E . -36.77 35.82 31.33
C6 NAG E . -36.22 36.43 32.61
C7 NAG E . -36.64 32.35 27.29
C8 NAG E . -37.26 31.94 25.98
N2 NAG E . -36.89 33.59 27.73
O3 NAG E . -37.16 32.22 30.30
O4 NAG E . -37.88 33.99 32.46
O5 NAG E . -35.89 36.17 30.26
O6 NAG E . -37.08 37.50 33.06
O7 NAG E . -35.95 31.57 27.92
C1 ZW4 F . -12.69 22.24 22.50
N1 ZW4 F . -12.25 19.60 17.54
O1 ZW4 F . -14.38 20.18 19.16
C2 ZW4 F . -12.85 21.45 21.35
O2 ZW4 F . -10.91 20.75 16.19
C3 ZW4 F . -13.27 22.04 20.16
O3 ZW4 F . -13.77 14.82 11.16
C4 ZW4 F . -13.52 23.40 20.10
C5 ZW4 F . -13.36 24.18 21.25
C6 ZW4 F . -12.94 23.61 22.44
C7 ZW4 F . -13.44 21.22 18.92
C8 ZW4 F . -14.47 19.16 18.15
C9 ZW4 F . -13.11 18.47 17.91
C10 ZW4 F . -12.06 20.64 18.57
C11 ZW4 F . -11.62 19.76 16.38
C12 ZW4 F . -11.69 18.73 15.30
C13 ZW4 F . -12.63 18.79 14.26
C14 ZW4 F . -12.64 17.84 13.24
C15 ZW4 F . -11.70 16.80 13.23
C16 ZW4 F . -10.73 16.77 14.25
C17 ZW4 F . -10.71 17.72 15.27
CL1 ZW4 F . -13.83 20.02 14.23
N2 ZW4 F . -11.61 15.77 12.16
S1 ZW4 F . -12.56 14.53 11.94
F1 ZW4 F . -13.09 14.07 13.40
N3 ZW4 F . -11.66 13.20 11.11
CL2 ZW4 F . -9.48 17.58 16.49
C18 ZW4 F . -10.24 12.79 11.26
C19 ZW4 F . -12.05 11.77 11.07
C20 ZW4 F . -10.63 11.32 11.37
C21 ZW4 F . -10.04 10.41 10.33
N4 ZW4 F . -10.91 9.25 10.16
C22 ZW4 F . -10.58 8.21 11.13
C23 ZW4 F . -10.88 8.73 8.78
#